data_7OLP
#
_entry.id   7OLP
#
_cell.length_a   73.410
_cell.length_b   120.430
_cell.length_c   66.870
_cell.angle_alpha   90.000
_cell.angle_beta   90.000
_cell.angle_gamma   90.000
#
_symmetry.space_group_name_H-M   'C 2 2 21'
#
loop_
_entity.id
_entity.type
_entity.pdbx_description
1 polymer 'Iron/alpha-ketoglutarate-dependent dioxygenase asqJ'
2 non-polymer 'NICKEL (II) ION'
3 non-polymer '2-OXOGLUTARIC ACID'
4 non-polymer 4-Methoxydehydrocyclopeptin
5 water water
#
_entity_poly.entity_id   1
_entity_poly.type   'polypeptide(L)'
_entity_poly.pdbx_seq_one_letter_code
;STSKDHVKSQIPRLSAINDLHKIWPTVEEHGAAIIESFLSLDIVRRLNEEVDPFVKIEPIPAAKTKDHPNHILSTTTRLV
NVLAPISKAYREDVLNSKVLHRICSDAFHVYGDYWVLMGAVMELAPSNPAQPLHRDMRFSHPIVEYLKPDAPATSINFLV
ALSPFTAENGATHVILGSHKWQNLSNVSMDATVRALMNPGDALLITDSTIHCGGAETTGTETRRLLTITMGISQLTPLES
NLAVPRPVIESLTPLAQRLLGWASQRSAAPRDIGLLTIRGNSIEKTMNLKAEQPLHDDEAEPLCRETIA
;
_entity_poly.pdbx_strand_id   A
#
loop_
_chem_comp.id
_chem_comp.type
_chem_comp.name
_chem_comp.formula
58J non-polymer 4-Methoxydehydrocyclopeptin 'C18 H16 N2 O3'
AKG non-polymer '2-OXOGLUTARIC ACID' 'C5 H6 O5'
NI non-polymer 'NICKEL (II) ION' 'Ni 2'
#
# COMPACT_ATOMS: atom_id res chain seq x y z
N SER A 9 -13.98 -18.71 -10.13
CA SER A 9 -13.80 -18.40 -8.68
C SER A 9 -13.56 -16.90 -8.49
N GLN A 10 -14.44 -16.21 -7.76
CA GLN A 10 -14.35 -14.75 -7.49
C GLN A 10 -13.40 -14.50 -6.32
N ILE A 11 -12.93 -13.27 -6.16
CA ILE A 11 -12.03 -12.86 -5.03
C ILE A 11 -12.82 -13.06 -3.74
N PRO A 12 -12.28 -13.80 -2.74
CA PRO A 12 -12.93 -13.93 -1.44
C PRO A 12 -13.19 -12.57 -0.78
N ARG A 13 -14.39 -12.38 -0.23
CA ARG A 13 -14.82 -11.13 0.45
C ARG A 13 -14.94 -11.42 1.95
N LEU A 14 -14.33 -10.57 2.79
CA LEU A 14 -14.29 -10.73 4.27
C LEU A 14 -14.64 -9.40 4.94
N SER A 15 -15.31 -9.47 6.09
CA SER A 15 -15.61 -8.32 6.97
C SER A 15 -14.35 -7.95 7.76
N ALA A 16 -13.97 -6.67 7.74
CA ALA A 16 -12.88 -6.09 8.56
C ALA A 16 -13.20 -6.32 10.04
N ILE A 17 -14.49 -6.27 10.40
CA ILE A 17 -15.01 -6.35 11.79
C ILE A 17 -14.95 -7.80 12.29
N ASN A 18 -15.59 -8.72 11.55
CA ASN A 18 -16.01 -10.06 12.04
C ASN A 18 -15.06 -11.17 11.57
N ASP A 19 -14.30 -10.94 10.48
CA ASP A 19 -13.47 -11.98 9.81
C ASP A 19 -11.98 -11.61 9.88
N LEU A 20 -11.58 -10.78 10.84
CA LEU A 20 -10.21 -10.19 10.92
C LEU A 20 -9.15 -11.29 10.83
N HIS A 21 -9.27 -12.35 11.65
CA HIS A 21 -8.28 -13.46 11.76
C HIS A 21 -8.21 -14.27 10.45
N LYS A 22 -9.24 -14.19 9.60
CA LYS A 22 -9.33 -14.99 8.34
C LYS A 22 -8.64 -14.26 7.17
N ILE A 23 -8.37 -12.95 7.30
CA ILE A 23 -7.95 -12.11 6.14
C ILE A 23 -6.59 -12.58 5.64
N TRP A 24 -5.55 -12.60 6.48
CA TRP A 24 -4.20 -12.97 6.01
C TRP A 24 -4.17 -14.42 5.51
N PRO A 25 -4.68 -15.42 6.28
CA PRO A 25 -4.77 -16.80 5.78
C PRO A 25 -5.41 -16.93 4.40
N THR A 26 -6.46 -16.12 4.12
CA THR A 26 -7.19 -16.10 2.82
C THR A 26 -6.25 -15.60 1.72
N VAL A 27 -5.51 -14.52 1.97
CA VAL A 27 -4.56 -13.93 0.98
C VAL A 27 -3.39 -14.91 0.77
N GLU A 28 -2.88 -15.51 1.85
CA GLU A 28 -1.77 -16.51 1.76
C GLU A 28 -2.18 -17.65 0.82
N GLU A 29 -3.45 -18.07 0.87
CA GLU A 29 -3.97 -19.21 0.07
C GLU A 29 -4.27 -18.77 -1.37
N HIS A 30 -5.03 -17.68 -1.55
CA HIS A 30 -5.65 -17.31 -2.86
C HIS A 30 -4.88 -16.17 -3.55
N GLY A 31 -4.05 -15.42 -2.81
CA GLY A 31 -3.22 -14.32 -3.35
C GLY A 31 -3.96 -12.99 -3.37
N ALA A 32 -5.24 -12.98 -2.97
CA ALA A 32 -6.09 -11.77 -2.97
C ALA A 32 -7.31 -11.97 -2.06
N ALA A 33 -7.78 -10.88 -1.45
CA ALA A 33 -9.03 -10.82 -0.66
C ALA A 33 -9.57 -9.39 -0.70
N ILE A 34 -10.90 -9.25 -0.70
CA ILE A 34 -11.60 -7.95 -0.49
C ILE A 34 -11.92 -7.83 1.00
N ILE A 35 -11.39 -6.79 1.64
CA ILE A 35 -11.72 -6.40 3.04
C ILE A 35 -12.85 -5.37 2.96
N GLU A 36 -14.08 -5.78 3.24
CA GLU A 36 -15.27 -4.90 3.21
C GLU A 36 -15.17 -3.92 4.39
N SER A 37 -15.34 -2.63 4.12
CA SER A 37 -15.33 -1.52 5.11
C SER A 37 -13.99 -1.48 5.85
N PHE A 38 -12.88 -1.64 5.12
CA PHE A 38 -11.50 -1.52 5.66
C PHE A 38 -11.36 -0.14 6.32
N LEU A 39 -11.78 0.92 5.62
CA LEU A 39 -11.91 2.30 6.15
C LEU A 39 -13.40 2.68 6.17
N SER A 40 -13.83 3.39 7.21
CA SER A 40 -15.19 4.00 7.32
C SER A 40 -15.35 5.05 6.22
N LEU A 41 -16.59 5.32 5.80
CA LEU A 41 -16.89 6.35 4.76
C LEU A 41 -16.46 7.74 5.26
N ASP A 42 -16.48 7.97 6.57
CA ASP A 42 -16.04 9.25 7.19
C ASP A 42 -14.54 9.46 6.92
N ILE A 43 -13.72 8.43 7.17
CA ILE A 43 -12.25 8.46 6.93
C ILE A 43 -11.99 8.67 5.42
N VAL A 44 -12.74 7.97 4.56
CA VAL A 44 -12.63 8.10 3.08
C VAL A 44 -12.92 9.56 2.69
N ARG A 45 -13.99 10.14 3.24
CA ARG A 45 -14.42 11.54 2.93
C ARG A 45 -13.31 12.51 3.32
N ARG A 46 -12.78 12.39 4.55
CA ARG A 46 -11.74 13.30 5.10
C ARG A 46 -10.45 13.17 4.30
N LEU A 47 -10.03 11.95 3.97
CA LEU A 47 -8.79 11.71 3.20
C LEU A 47 -8.94 12.31 1.79
N ASN A 48 -10.09 12.09 1.14
CA ASN A 48 -10.38 12.62 -0.22
C ASN A 48 -10.28 14.16 -0.20
N GLU A 49 -10.90 14.81 0.79
CA GLU A 49 -10.94 16.29 0.92
C GLU A 49 -9.51 16.83 1.12
N GLU A 50 -8.70 16.12 1.91
CA GLU A 50 -7.33 16.56 2.32
C GLU A 50 -6.37 16.45 1.13
N VAL A 51 -6.45 15.39 0.32
CA VAL A 51 -5.51 15.12 -0.80
C VAL A 51 -5.99 15.81 -2.10
N ASP A 52 -7.28 16.16 -2.19
CA ASP A 52 -7.93 16.71 -3.41
C ASP A 52 -7.02 17.70 -4.14
N PRO A 53 -6.58 18.83 -3.51
CA PRO A 53 -5.79 19.83 -4.23
C PRO A 53 -4.39 19.34 -4.66
N PHE A 54 -3.79 18.43 -3.90
CA PHE A 54 -2.46 17.85 -4.20
C PHE A 54 -2.54 16.95 -5.43
N VAL A 55 -3.67 16.26 -5.63
CA VAL A 55 -3.94 15.45 -6.86
C VAL A 55 -4.04 16.40 -8.06
N LYS A 56 -4.70 17.55 -7.89
CA LYS A 56 -4.98 18.53 -8.98
C LYS A 56 -3.68 19.19 -9.46
N ILE A 57 -2.73 19.47 -8.56
CA ILE A 57 -1.46 20.19 -8.89
C ILE A 57 -0.39 19.18 -9.32
N GLU A 58 -0.61 17.87 -9.09
CA GLU A 58 0.38 16.81 -9.42
C GLU A 58 0.60 16.77 -10.92
N PRO A 59 1.86 16.88 -11.42
CA PRO A 59 2.14 16.73 -12.84
C PRO A 59 2.06 15.27 -13.31
N ILE A 60 2.25 15.05 -14.61
CA ILE A 60 2.32 13.69 -15.22
C ILE A 60 3.41 12.89 -14.50
N PRO A 61 3.29 11.55 -14.40
CA PRO A 61 4.26 10.74 -13.66
C PRO A 61 5.73 10.92 -14.11
N ALA A 62 5.97 11.17 -15.40
CA ALA A 62 7.32 11.33 -15.99
C ALA A 62 7.59 12.80 -16.35
N ALA A 63 7.06 13.75 -15.55
CA ALA A 63 7.26 15.20 -15.73
C ALA A 63 8.76 15.51 -15.81
N LYS A 64 9.14 16.43 -16.71
CA LYS A 64 10.56 16.77 -17.01
C LYS A 64 11.20 17.50 -15.82
N THR A 65 10.38 18.08 -14.93
CA THR A 65 10.82 18.79 -13.70
C THR A 65 11.32 17.78 -12.64
N LYS A 66 10.88 16.52 -12.72
CA LYS A 66 11.17 15.47 -11.70
C LYS A 66 12.55 14.83 -11.96
N ASP A 67 13.35 14.63 -10.90
CA ASP A 67 14.67 13.96 -11.01
C ASP A 67 14.51 12.46 -10.69
N HIS A 68 13.33 12.04 -10.24
CA HIS A 68 12.92 10.60 -10.11
C HIS A 68 11.60 10.38 -10.85
N PRO A 69 11.56 10.59 -12.18
CA PRO A 69 10.33 10.39 -12.96
C PRO A 69 9.89 8.93 -12.95
N ASN A 70 8.57 8.70 -12.98
CA ASN A 70 7.94 7.37 -13.16
C ASN A 70 7.57 7.24 -14.64
N HIS A 71 8.36 6.46 -15.40
CA HIS A 71 8.21 6.27 -16.87
C HIS A 71 7.23 5.14 -17.19
N ILE A 72 6.63 4.52 -16.17
CA ILE A 72 5.76 3.30 -16.32
CA ILE A 72 5.76 3.31 -16.36
C ILE A 72 4.29 3.73 -16.39
N LEU A 73 3.84 4.53 -15.41
CA LEU A 73 2.42 4.91 -15.26
C LEU A 73 1.95 5.70 -16.48
N SER A 74 0.68 5.51 -16.87
CA SER A 74 0.01 6.23 -17.98
C SER A 74 0.01 7.73 -17.68
N THR A 75 -0.04 8.55 -18.72
CA THR A 75 -0.10 10.04 -18.62
C THR A 75 -1.45 10.47 -18.03
N THR A 76 -2.44 9.58 -18.02
CA THR A 76 -3.79 9.79 -17.42
C THR A 76 -3.83 9.25 -15.98
N THR A 77 -2.66 9.07 -15.35
CA THR A 77 -2.51 8.72 -13.91
C THR A 77 -1.89 9.90 -13.17
N ARG A 78 -2.42 10.21 -11.99
CA ARG A 78 -1.78 11.11 -11.00
C ARG A 78 -1.53 10.31 -9.72
N LEU A 79 -0.27 10.26 -9.28
CA LEU A 79 0.15 9.57 -8.03
C LEU A 79 0.73 10.60 -7.07
N VAL A 80 0.20 10.65 -5.85
CA VAL A 80 0.66 11.54 -4.74
C VAL A 80 1.06 10.64 -3.56
N ASN A 81 2.35 10.57 -3.23
CA ASN A 81 2.87 9.80 -2.06
C ASN A 81 3.31 10.80 -0.97
N VAL A 82 3.92 10.29 0.10
CA VAL A 82 4.29 11.06 1.34
C VAL A 82 3.04 11.82 1.81
N LEU A 83 2.03 11.08 2.30
CA LEU A 83 0.69 11.62 2.63
C LEU A 83 0.65 12.16 4.05
N ALA A 84 1.59 11.78 4.92
CA ALA A 84 1.61 12.17 6.36
C ALA A 84 1.47 13.68 6.49
N PRO A 85 2.30 14.52 5.83
CA PRO A 85 2.19 15.98 5.97
C PRO A 85 0.93 16.60 5.33
N ILE A 86 0.25 15.86 4.45
CA ILE A 86 -0.94 16.33 3.68
C ILE A 86 -2.23 16.05 4.47
N SER A 87 -2.34 14.86 5.08
CA SER A 87 -3.63 14.27 5.51
C SER A 87 -3.58 13.83 6.98
N LYS A 88 -4.38 14.50 7.82
CA LYS A 88 -4.60 14.14 9.25
C LYS A 88 -5.26 12.76 9.32
N ALA A 89 -6.24 12.49 8.44
CA ALA A 89 -6.98 11.21 8.36
C ALA A 89 -5.99 10.08 8.12
N TYR A 90 -5.03 10.27 7.22
CA TYR A 90 -4.00 9.25 6.88
C TYR A 90 -3.10 8.98 8.09
N ARG A 91 -2.49 10.03 8.64
CA ARG A 91 -1.39 9.89 9.63
C ARG A 91 -1.95 9.48 11.00
N GLU A 92 -3.25 9.73 11.27
CA GLU A 92 -3.91 9.38 12.55
C GLU A 92 -4.70 8.08 12.38
N ASP A 93 -5.71 8.06 11.51
CA ASP A 93 -6.69 6.95 11.39
C ASP A 93 -6.07 5.77 10.63
N VAL A 94 -5.49 6.01 9.45
CA VAL A 94 -5.00 4.92 8.55
C VAL A 94 -3.75 4.28 9.17
N LEU A 95 -2.76 5.07 9.60
CA LEU A 95 -1.47 4.54 10.12
C LEU A 95 -1.68 3.77 11.43
N ASN A 96 -2.82 3.95 12.11
CA ASN A 96 -3.14 3.28 13.40
C ASN A 96 -4.28 2.26 13.23
N SER A 97 -4.64 1.94 11.99
CA SER A 97 -5.72 0.96 11.65
C SER A 97 -5.44 -0.37 12.36
N LYS A 98 -6.33 -0.77 13.27
CA LYS A 98 -6.25 -2.06 14.01
C LYS A 98 -6.22 -3.21 12.99
N VAL A 99 -7.04 -3.12 11.94
CA VAL A 99 -7.17 -4.19 10.90
C VAL A 99 -5.85 -4.30 10.14
N LEU A 100 -5.30 -3.18 9.66
CA LEU A 100 -4.01 -3.17 8.92
C LEU A 100 -2.92 -3.84 9.77
N HIS A 101 -2.82 -3.49 11.06
CA HIS A 101 -1.72 -3.93 11.95
C HIS A 101 -1.86 -5.42 12.28
N ARG A 102 -3.08 -5.93 12.48
CA ARG A 102 -3.30 -7.39 12.72
C ARG A 102 -2.85 -8.16 11.47
N ILE A 103 -3.26 -7.72 10.28
CA ILE A 103 -2.93 -8.39 8.99
C ILE A 103 -1.40 -8.37 8.79
N CYS A 104 -0.75 -7.23 9.03
CA CYS A 104 0.70 -7.05 8.81
C CYS A 104 1.50 -7.92 9.78
N SER A 105 1.11 -7.97 11.06
CA SER A 105 1.76 -8.82 12.08
C SER A 105 1.55 -10.30 11.72
N ASP A 106 0.36 -10.66 11.21
CA ASP A 106 0.06 -12.03 10.70
C ASP A 106 1.00 -12.37 9.54
N ALA A 107 1.18 -11.44 8.60
CA ALA A 107 1.92 -11.66 7.33
C ALA A 107 3.44 -11.72 7.57
N PHE A 108 3.98 -10.85 8.44
CA PHE A 108 5.44 -10.54 8.49
C PHE A 108 6.12 -11.06 9.77
N HIS A 109 5.42 -11.84 10.61
CA HIS A 109 5.96 -12.33 11.91
C HIS A 109 7.26 -13.11 11.70
N VAL A 110 7.41 -13.83 10.57
CA VAL A 110 8.62 -14.66 10.28
C VAL A 110 9.84 -13.74 10.10
N TYR A 111 9.63 -12.50 9.66
CA TYR A 111 10.72 -11.55 9.30
C TYR A 111 10.99 -10.55 10.44
N GLY A 112 9.93 -10.03 11.06
CA GLY A 112 10.03 -9.05 12.17
C GLY A 112 9.15 -7.83 11.92
N ASP A 113 9.62 -6.65 12.33
CA ASP A 113 8.87 -5.37 12.18
C ASP A 113 8.61 -5.10 10.70
N TYR A 114 7.54 -4.35 10.44
CA TYR A 114 7.12 -3.89 9.09
C TYR A 114 6.92 -2.37 9.15
N TRP A 115 6.94 -1.72 7.99
CA TRP A 115 6.66 -0.27 7.87
C TRP A 115 6.04 0.01 6.50
N VAL A 116 5.71 1.28 6.24
CA VAL A 116 5.12 1.72 4.94
C VAL A 116 6.24 1.83 3.91
N LEU A 117 6.21 1.01 2.85
CA LEU A 117 7.12 1.17 1.69
C LEU A 117 6.60 2.31 0.80
N MET A 118 5.27 2.40 0.63
CA MET A 118 4.64 3.58 -0.02
C MET A 118 3.15 3.65 0.35
N GLY A 119 2.72 4.81 0.84
CA GLY A 119 1.31 5.21 0.94
C GLY A 119 1.02 6.30 -0.06
N ALA A 120 0.23 6.02 -1.09
CA ALA A 120 -0.01 6.95 -2.22
C ALA A 120 -1.49 6.96 -2.59
N VAL A 121 -2.01 8.14 -2.92
CA VAL A 121 -3.32 8.30 -3.63
C VAL A 121 -3.02 8.24 -5.13
N MET A 122 -3.71 7.33 -5.83
CA MET A 122 -3.67 7.20 -7.30
C MET A 122 -5.04 7.62 -7.84
N GLU A 123 -5.07 8.58 -8.76
CA GLU A 123 -6.31 8.98 -9.48
C GLU A 123 -6.13 8.70 -10.96
N LEU A 124 -7.06 7.94 -11.55
CA LEU A 124 -7.09 7.57 -12.99
C LEU A 124 -8.13 8.44 -13.69
N ALA A 125 -7.71 9.16 -14.73
CA ALA A 125 -8.59 10.04 -15.54
C ALA A 125 -9.55 9.17 -16.34
N PRO A 126 -10.70 9.73 -16.81
CA PRO A 126 -11.59 8.97 -17.69
C PRO A 126 -10.83 8.40 -18.90
N SER A 127 -11.24 7.21 -19.34
CA SER A 127 -10.67 6.45 -20.50
C SER A 127 -9.21 6.05 -20.23
N ASN A 128 -8.79 5.98 -18.97
CA ASN A 128 -7.47 5.42 -18.56
C ASN A 128 -7.41 3.98 -19.05
N PRO A 129 -6.37 3.59 -19.83
CA PRO A 129 -6.26 2.21 -20.31
C PRO A 129 -5.88 1.23 -19.20
N ALA A 130 -6.21 -0.05 -19.38
CA ALA A 130 -5.78 -1.16 -18.50
C ALA A 130 -4.25 -1.20 -18.49
N GLN A 131 -3.66 -1.48 -17.32
CA GLN A 131 -2.20 -1.70 -17.17
C GLN A 131 -1.88 -3.10 -17.67
N PRO A 132 -0.62 -3.37 -18.09
CA PRO A 132 -0.19 -4.74 -18.35
C PRO A 132 -0.25 -5.52 -17.03
N LEU A 133 -0.59 -6.82 -17.09
CA LEU A 133 -0.52 -7.73 -15.92
C LEU A 133 0.91 -7.71 -15.38
N HIS A 134 1.07 -7.52 -14.07
CA HIS A 134 2.39 -7.33 -13.43
C HIS A 134 2.39 -7.83 -11.98
N ARG A 135 3.59 -8.01 -11.45
CA ARG A 135 3.88 -8.07 -9.99
C ARG A 135 4.48 -6.72 -9.60
N ASP A 136 4.15 -6.23 -8.41
CA ASP A 136 4.71 -4.95 -7.88
C ASP A 136 6.18 -5.16 -7.48
N MET A 137 6.89 -4.05 -7.25
CA MET A 137 8.24 -3.99 -6.62
C MET A 137 9.37 -4.20 -7.64
N ARG A 138 9.08 -4.48 -8.91
CA ARG A 138 10.11 -4.85 -9.92
C ARG A 138 10.82 -3.61 -10.49
N PHE A 139 10.33 -2.40 -10.19
CA PHE A 139 10.96 -1.12 -10.66
C PHE A 139 11.69 -0.42 -9.51
N SER A 140 11.73 -1.03 -8.32
CA SER A 140 12.31 -0.42 -7.10
C SER A 140 13.22 -1.41 -6.35
N HIS A 141 12.83 -2.69 -6.29
CA HIS A 141 13.50 -3.73 -5.46
C HIS A 141 13.84 -4.96 -6.29
N PRO A 142 14.82 -4.88 -7.21
CA PRO A 142 15.36 -6.05 -7.90
C PRO A 142 15.66 -7.24 -6.98
N ILE A 143 16.07 -7.00 -5.74
CA ILE A 143 16.40 -8.06 -4.74
C ILE A 143 15.25 -9.07 -4.63
N VAL A 144 14.00 -8.60 -4.74
CA VAL A 144 12.78 -9.46 -4.55
C VAL A 144 12.79 -10.61 -5.57
N GLU A 145 13.31 -10.39 -6.78
CA GLU A 145 13.33 -11.43 -7.86
C GLU A 145 14.34 -12.53 -7.52
N TYR A 146 15.25 -12.31 -6.56
CA TYR A 146 16.31 -13.27 -6.17
C TYR A 146 15.88 -14.08 -4.93
N LEU A 147 14.69 -13.84 -4.39
CA LEU A 147 14.14 -14.64 -3.26
C LEU A 147 13.76 -16.03 -3.77
N LYS A 148 13.92 -17.05 -2.93
CA LYS A 148 13.47 -18.44 -3.23
C LYS A 148 11.97 -18.38 -3.53
N PRO A 149 11.47 -19.20 -4.50
CA PRO A 149 10.07 -19.14 -4.93
C PRO A 149 9.03 -19.20 -3.80
N ASP A 150 9.31 -19.96 -2.73
CA ASP A 150 8.35 -20.24 -1.63
C ASP A 150 8.64 -19.34 -0.41
N ALA A 151 9.55 -18.36 -0.54
CA ALA A 151 9.84 -17.37 0.52
C ALA A 151 8.55 -16.65 0.88
N PRO A 152 8.22 -16.48 2.19
CA PRO A 152 7.07 -15.67 2.58
C PRO A 152 7.14 -14.26 1.97
N ALA A 153 6.00 -13.72 1.55
CA ALA A 153 5.87 -12.36 0.97
C ALA A 153 6.58 -11.35 1.88
N THR A 154 7.44 -10.51 1.31
CA THR A 154 8.20 -9.46 2.02
C THR A 154 7.46 -8.12 1.93
N SER A 155 6.45 -8.02 1.08
CA SER A 155 5.53 -6.84 1.04
C SER A 155 4.14 -7.27 0.57
N ILE A 156 3.13 -6.51 0.99
CA ILE A 156 1.70 -6.67 0.60
C ILE A 156 1.18 -5.28 0.25
N ASN A 157 0.12 -5.22 -0.56
CA ASN A 157 -0.45 -3.95 -1.07
C ASN A 157 -1.95 -3.92 -0.74
N PHE A 158 -2.35 -2.97 0.10
CA PHE A 158 -3.78 -2.59 0.34
C PHE A 158 -4.18 -1.56 -0.72
N LEU A 159 -5.00 -1.98 -1.68
CA LEU A 159 -5.59 -1.09 -2.72
C LEU A 159 -6.98 -0.69 -2.23
N VAL A 160 -7.06 0.45 -1.54
CA VAL A 160 -8.29 0.95 -0.86
C VAL A 160 -9.05 1.82 -1.86
N ALA A 161 -10.31 1.48 -2.13
CA ALA A 161 -11.22 2.27 -2.99
C ALA A 161 -11.55 3.59 -2.30
N LEU A 162 -11.20 4.73 -2.93
CA LEU A 162 -11.60 6.09 -2.48
C LEU A 162 -12.77 6.59 -3.34
N SER A 163 -13.13 5.80 -4.36
CA SER A 163 -14.34 5.97 -5.21
C SER A 163 -14.85 4.58 -5.56
N PRO A 164 -16.07 4.43 -6.14
CA PRO A 164 -16.53 3.11 -6.57
C PRO A 164 -15.57 2.41 -7.55
N PHE A 165 -15.34 1.12 -7.36
CA PHE A 165 -14.64 0.21 -8.29
C PHE A 165 -15.68 -0.67 -8.99
N THR A 166 -15.90 -0.45 -10.29
CA THR A 166 -16.84 -1.22 -11.14
C THR A 166 -16.07 -1.82 -12.31
N ALA A 167 -16.59 -2.88 -12.94
CA ALA A 167 -16.02 -3.48 -14.17
C ALA A 167 -15.88 -2.38 -15.23
N GLU A 168 -16.87 -1.47 -15.29
CA GLU A 168 -17.00 -0.42 -16.33
C GLU A 168 -15.95 0.69 -16.13
N ASN A 169 -15.60 1.03 -14.88
CA ASN A 169 -14.73 2.21 -14.57
C ASN A 169 -13.30 1.76 -14.27
N GLY A 170 -12.96 0.48 -14.50
CA GLY A 170 -11.57 -0.02 -14.53
C GLY A 170 -11.12 -0.67 -13.23
N ALA A 171 -12.05 -1.27 -12.48
CA ALA A 171 -11.75 -2.05 -11.25
C ALA A 171 -10.56 -2.98 -11.51
N THR A 172 -9.67 -3.12 -10.52
CA THR A 172 -8.44 -3.95 -10.56
C THR A 172 -8.77 -5.38 -11.02
N HIS A 173 -7.92 -5.96 -11.86
CA HIS A 173 -7.88 -7.40 -12.21
C HIS A 173 -6.85 -8.11 -11.34
N VAL A 174 -7.15 -9.32 -10.87
CA VAL A 174 -6.17 -10.23 -10.21
C VAL A 174 -6.31 -11.62 -10.82
N ILE A 175 -5.22 -12.39 -10.84
CA ILE A 175 -5.23 -13.85 -11.12
C ILE A 175 -5.08 -14.56 -9.76
N LEU A 176 -6.16 -15.18 -9.28
CA LEU A 176 -6.16 -15.94 -8.01
C LEU A 176 -5.16 -17.10 -8.12
N GLY A 177 -4.33 -17.29 -7.09
CA GLY A 177 -3.31 -18.36 -7.02
C GLY A 177 -2.00 -17.98 -7.70
N SER A 178 -1.95 -16.84 -8.40
CA SER A 178 -0.79 -16.43 -9.24
C SER A 178 0.42 -16.05 -8.38
N HIS A 179 0.22 -15.77 -7.10
CA HIS A 179 1.31 -15.47 -6.12
C HIS A 179 2.22 -16.69 -5.93
N LYS A 180 1.75 -17.90 -6.28
CA LYS A 180 2.51 -19.17 -6.16
C LYS A 180 3.03 -19.66 -7.51
N TRP A 181 2.76 -18.92 -8.60
CA TRP A 181 3.20 -19.30 -9.98
C TRP A 181 4.71 -19.05 -10.13
N GLN A 182 5.43 -20.04 -10.67
CA GLN A 182 6.85 -19.90 -11.10
C GLN A 182 6.88 -19.76 -12.63
N ASN A 183 6.13 -20.61 -13.33
CA ASN A 183 5.94 -20.54 -14.81
C ASN A 183 4.80 -19.56 -15.11
N LEU A 184 5.07 -18.52 -15.90
CA LEU A 184 4.11 -17.42 -16.23
C LEU A 184 3.56 -17.58 -17.66
N SER A 185 3.54 -18.81 -18.20
CA SER A 185 3.10 -19.10 -19.59
C SER A 185 1.58 -18.95 -19.70
N ASN A 186 0.83 -19.10 -18.60
CA ASN A 186 -0.65 -19.05 -18.55
C ASN A 186 -1.13 -17.65 -18.12
N VAL A 187 -0.22 -16.66 -18.07
CA VAL A 187 -0.59 -15.24 -17.76
C VAL A 187 -1.36 -14.68 -18.96
N SER A 188 -2.62 -14.34 -18.74
CA SER A 188 -3.57 -13.78 -19.73
C SER A 188 -4.70 -13.08 -18.99
N MET A 189 -5.31 -12.06 -19.61
CA MET A 189 -6.50 -11.36 -19.06
C MET A 189 -7.66 -12.36 -18.93
N ASP A 190 -7.62 -13.46 -19.70
CA ASP A 190 -8.62 -14.58 -19.66
C ASP A 190 -8.65 -15.21 -18.27
N ALA A 191 -7.54 -15.15 -17.51
CA ALA A 191 -7.37 -15.82 -16.20
C ALA A 191 -7.82 -14.92 -15.04
N THR A 192 -8.19 -13.66 -15.30
CA THR A 192 -8.41 -12.63 -14.24
C THR A 192 -9.86 -12.64 -13.76
N VAL A 193 -10.06 -12.15 -12.53
CA VAL A 193 -11.37 -11.75 -11.93
C VAL A 193 -11.22 -10.32 -11.40
N ARG A 194 -12.34 -9.64 -11.14
CA ARG A 194 -12.38 -8.18 -10.84
C ARG A 194 -12.59 -7.94 -9.34
N ALA A 195 -11.98 -6.86 -8.83
CA ALA A 195 -12.19 -6.34 -7.46
C ALA A 195 -13.28 -5.26 -7.51
N LEU A 196 -14.55 -5.67 -7.47
CA LEU A 196 -15.72 -4.77 -7.39
C LEU A 196 -15.86 -4.32 -5.94
N MET A 197 -15.80 -3.01 -5.68
CA MET A 197 -15.65 -2.46 -4.31
C MET A 197 -16.41 -1.13 -4.18
N ASN A 198 -16.98 -0.91 -2.99
CA ASN A 198 -17.51 0.41 -2.55
C ASN A 198 -16.37 1.21 -1.95
N PRO A 199 -16.46 2.55 -1.89
CA PRO A 199 -15.46 3.36 -1.20
C PRO A 199 -15.24 2.84 0.23
N GLY A 200 -13.98 2.67 0.64
CA GLY A 200 -13.60 2.15 1.97
C GLY A 200 -13.28 0.67 1.96
N ASP A 201 -13.77 -0.09 0.98
CA ASP A 201 -13.35 -1.49 0.75
C ASP A 201 -11.90 -1.48 0.27
N ALA A 202 -11.14 -2.53 0.59
CA ALA A 202 -9.72 -2.68 0.18
C ALA A 202 -9.51 -4.04 -0.47
N LEU A 203 -8.82 -4.04 -1.61
CA LEU A 203 -8.24 -5.27 -2.22
C LEU A 203 -6.84 -5.47 -1.64
N LEU A 204 -6.61 -6.59 -0.96
CA LEU A 204 -5.28 -6.94 -0.40
C LEU A 204 -4.63 -7.99 -1.30
N ILE A 205 -3.43 -7.70 -1.81
CA ILE A 205 -2.61 -8.62 -2.65
C ILE A 205 -1.20 -8.69 -2.06
N THR A 206 -0.41 -9.67 -2.47
CA THR A 206 1.02 -9.79 -2.12
C THR A 206 1.86 -9.23 -3.27
N ASP A 207 3.17 -9.12 -3.04
CA ASP A 207 4.16 -8.66 -4.05
C ASP A 207 4.30 -9.69 -5.19
N SER A 208 3.71 -10.88 -5.06
CA SER A 208 3.76 -11.96 -6.09
C SER A 208 2.43 -12.11 -6.83
N THR A 209 1.34 -11.51 -6.33
CA THR A 209 0.01 -11.58 -6.98
C THR A 209 0.09 -10.87 -8.33
N ILE A 210 -0.25 -11.56 -9.42
CA ILE A 210 -0.31 -10.97 -10.78
C ILE A 210 -1.64 -10.23 -10.89
N HIS A 211 -1.59 -8.94 -11.23
CA HIS A 211 -2.74 -8.01 -11.20
C HIS A 211 -2.50 -6.87 -12.20
N CYS A 212 -3.53 -6.07 -12.45
CA CYS A 212 -3.43 -4.83 -13.25
C CYS A 212 -4.63 -3.93 -13.01
N GLY A 213 -4.43 -2.62 -13.05
CA GLY A 213 -5.51 -1.64 -13.21
C GLY A 213 -6.35 -2.00 -14.43
N GLY A 214 -7.67 -1.83 -14.34
CA GLY A 214 -8.61 -2.11 -15.43
C GLY A 214 -8.74 -0.94 -16.39
N ALA A 215 -9.37 -1.17 -17.54
CA ALA A 215 -9.68 -0.14 -18.56
C ALA A 215 -10.90 0.65 -18.09
N GLU A 216 -10.79 1.98 -18.06
CA GLU A 216 -11.93 2.91 -17.83
C GLU A 216 -12.71 2.99 -19.16
N THR A 217 -13.93 2.45 -19.21
CA THR A 217 -14.71 2.25 -20.47
C THR A 217 -15.91 3.22 -20.54
N THR A 218 -16.28 3.89 -19.44
CA THR A 218 -17.44 4.83 -19.41
C THR A 218 -17.06 6.11 -20.17
N GLY A 219 -15.81 6.56 -20.03
CA GLY A 219 -15.29 7.80 -20.64
C GLY A 219 -15.67 9.04 -19.85
N THR A 220 -16.31 8.86 -18.68
CA THR A 220 -16.82 9.96 -17.82
C THR A 220 -16.30 9.85 -16.38
N GLU A 221 -16.02 8.63 -15.90
CA GLU A 221 -15.78 8.35 -14.45
C GLU A 221 -14.29 8.49 -14.11
N THR A 222 -13.99 9.16 -12.99
CA THR A 222 -12.65 9.26 -12.37
C THR A 222 -12.57 8.27 -11.20
N ARG A 223 -11.71 7.26 -11.31
CA ARG A 223 -11.46 6.24 -10.26
C ARG A 223 -10.28 6.72 -9.40
N ARG A 224 -10.43 6.66 -8.08
CA ARG A 224 -9.35 7.04 -7.12
C ARG A 224 -9.15 5.91 -6.11
N LEU A 225 -7.90 5.63 -5.75
CA LEU A 225 -7.55 4.61 -4.74
C LEU A 225 -6.43 5.11 -3.83
N LEU A 226 -6.39 4.58 -2.61
CA LEU A 226 -5.25 4.72 -1.68
C LEU A 226 -4.50 3.38 -1.69
N THR A 227 -3.28 3.36 -2.23
CA THR A 227 -2.40 2.17 -2.26
C THR A 227 -1.42 2.26 -1.09
N ILE A 228 -1.51 1.31 -0.15
CA ILE A 228 -0.61 1.21 1.01
C ILE A 228 0.23 -0.06 0.83
N THR A 229 1.46 0.07 0.33
CA THR A 229 2.44 -1.04 0.29
C THR A 229 3.09 -1.12 1.66
N MET A 230 2.75 -2.17 2.42
CA MET A 230 3.36 -2.50 3.73
C MET A 230 4.45 -3.56 3.49
N GLY A 231 5.64 -3.35 4.04
CA GLY A 231 6.79 -4.24 3.80
C GLY A 231 7.62 -4.41 5.05
N ILE A 232 8.41 -5.48 5.10
CA ILE A 232 9.32 -5.74 6.25
C ILE A 232 10.28 -4.56 6.37
N SER A 233 10.65 -4.19 7.60
CA SER A 233 11.50 -3.02 7.92
C SER A 233 12.93 -3.23 7.37
N GLN A 234 13.23 -4.43 6.87
CA GLN A 234 14.54 -4.79 6.26
C GLN A 234 14.62 -4.28 4.81
N LEU A 235 13.49 -3.90 4.20
CA LEU A 235 13.43 -3.34 2.82
C LEU A 235 13.25 -1.82 2.88
N THR A 236 13.95 -1.09 2.01
CA THR A 236 13.93 0.39 1.96
C THR A 236 12.62 0.87 1.34
N PRO A 237 11.91 1.83 1.96
CA PRO A 237 10.71 2.40 1.35
C PRO A 237 10.98 3.08 0.00
N LEU A 238 9.96 3.09 -0.86
CA LEU A 238 9.96 3.84 -2.15
C LEU A 238 9.94 5.34 -1.85
N GLU A 239 9.40 5.74 -0.71
CA GLU A 239 9.17 7.17 -0.34
C GLU A 239 9.91 7.51 0.96
N SER A 240 10.30 8.78 1.11
CA SER A 240 11.00 9.32 2.31
C SER A 240 10.07 10.25 3.10
N ASN A 241 10.11 10.15 4.42
CA ASN A 241 9.45 11.09 5.36
C ASN A 241 10.49 11.97 6.05
N LEU A 242 11.72 12.03 5.52
CA LEU A 242 12.86 12.77 6.13
C LEU A 242 12.54 14.28 6.20
N ALA A 243 11.76 14.79 5.24
CA ALA A 243 11.45 16.24 5.09
C ALA A 243 10.16 16.61 5.83
N VAL A 244 9.47 15.64 6.45
CA VAL A 244 8.22 15.89 7.23
C VAL A 244 8.61 16.67 8.48
N PRO A 245 7.97 17.84 8.75
CA PRO A 245 8.30 18.64 9.94
C PRO A 245 8.22 17.81 11.23
N ARG A 246 9.19 18.00 12.14
CA ARG A 246 9.27 17.23 13.42
C ARG A 246 8.00 17.46 14.23
N PRO A 247 7.42 18.67 14.27
CA PRO A 247 6.14 18.87 14.97
C PRO A 247 5.02 17.92 14.49
N VAL A 248 4.91 17.70 13.18
CA VAL A 248 3.94 16.74 12.58
C VAL A 248 4.25 15.32 13.08
N ILE A 249 5.54 14.93 13.04
CA ILE A 249 6.00 13.58 13.49
C ILE A 249 5.63 13.39 14.97
N GLU A 250 5.86 14.41 15.80
CA GLU A 250 5.66 14.34 17.27
C GLU A 250 4.17 14.36 17.61
N SER A 251 3.29 14.64 16.64
CA SER A 251 1.81 14.60 16.79
C SER A 251 1.29 13.16 16.63
N LEU A 252 2.12 12.25 16.10
CA LEU A 252 1.73 10.85 15.76
C LEU A 252 1.91 9.93 16.97
N THR A 253 1.29 8.75 16.91
CA THR A 253 1.54 7.63 17.86
C THR A 253 2.93 7.08 17.62
N PRO A 254 3.59 6.48 18.63
CA PRO A 254 4.86 5.80 18.43
C PRO A 254 4.81 4.78 17.27
N LEU A 255 3.68 4.08 17.11
CA LEU A 255 3.49 3.05 16.04
C LEU A 255 3.53 3.73 14.66
N ALA A 256 2.80 4.84 14.49
CA ALA A 256 2.78 5.63 13.24
C ALA A 256 4.19 6.16 12.95
N GLN A 257 4.91 6.63 13.97
CA GLN A 257 6.31 7.11 13.82
C GLN A 257 7.19 5.99 13.25
N ARG A 258 7.06 4.77 13.77
CA ARG A 258 7.85 3.59 13.30
C ARG A 258 7.53 3.33 11.82
N LEU A 259 6.25 3.39 11.43
CA LEU A 259 5.80 3.10 10.04
C LEU A 259 6.39 4.11 9.05
N LEU A 260 6.71 5.34 9.50
CA LEU A 260 7.26 6.41 8.63
C LEU A 260 8.80 6.45 8.71
N GLY A 261 9.42 5.52 9.45
CA GLY A 261 10.88 5.42 9.57
C GLY A 261 11.46 6.39 10.58
N TRP A 262 10.63 7.00 11.43
CA TRP A 262 11.05 7.90 12.54
C TRP A 262 11.13 7.09 13.84
N ALA A 263 11.68 5.87 13.75
CA ALA A 263 11.95 4.97 14.90
C ALA A 263 12.92 3.89 14.44
N SER A 264 13.65 3.30 15.39
CA SER A 264 14.44 2.06 15.16
C SER A 264 13.47 0.91 14.88
N GLN A 265 13.95 -0.16 14.27
CA GLN A 265 13.14 -1.33 13.84
C GLN A 265 13.81 -2.59 14.36
N ARG A 266 13.05 -3.68 14.49
CA ARG A 266 13.54 -4.99 15.01
C ARG A 266 13.27 -6.08 13.98
N SER A 267 14.23 -7.01 13.83
CA SER A 267 14.05 -8.28 13.08
C SER A 267 13.50 -9.34 14.03
N ALA A 268 13.07 -10.47 13.47
CA ALA A 268 12.49 -11.62 14.21
C ALA A 268 13.59 -12.58 14.68
N ALA A 269 14.87 -12.28 14.40
CA ALA A 269 16.02 -13.08 14.90
C ALA A 269 15.94 -13.17 16.42
N PRO A 270 16.00 -14.39 17.01
CA PRO A 270 15.93 -14.55 18.47
C PRO A 270 16.76 -13.56 19.29
N ARG A 271 17.98 -13.26 18.85
CA ARG A 271 18.89 -12.27 19.50
C ARG A 271 19.11 -11.08 18.55
N ASP A 272 18.01 -10.57 17.99
CA ASP A 272 17.97 -9.40 17.08
C ASP A 272 18.86 -8.28 17.63
N ILE A 273 19.67 -7.66 16.76
CA ILE A 273 20.54 -6.49 17.12
C ILE A 273 19.95 -5.20 16.53
N GLY A 274 18.89 -5.31 15.72
CA GLY A 274 18.02 -4.18 15.35
C GLY A 274 18.46 -3.48 14.08
N LEU A 275 17.61 -2.56 13.59
CA LEU A 275 17.82 -1.74 12.37
C LEU A 275 17.67 -0.25 12.75
N LEU A 276 18.43 0.61 12.09
CA LEU A 276 18.41 2.09 12.30
C LEU A 276 18.60 2.42 13.78
N THR A 277 19.57 1.76 14.43
CA THR A 277 19.94 1.99 15.86
C THR A 277 21.10 2.98 15.92
N ILE A 278 21.38 3.51 17.11
CA ILE A 278 22.48 4.49 17.36
C ILE A 278 23.24 4.02 18.61
N ARG A 279 24.34 3.30 18.41
CA ARG A 279 25.24 2.79 19.48
C ARG A 279 24.42 2.08 20.55
N GLY A 280 23.55 1.17 20.13
CA GLY A 280 22.77 0.27 21.01
C GLY A 280 21.48 0.89 21.51
N ASN A 281 21.18 2.13 21.11
CA ASN A 281 19.95 2.85 21.53
C ASN A 281 19.11 3.19 20.28
N SER A 282 17.80 3.35 20.49
CA SER A 282 16.82 3.63 19.41
C SER A 282 16.91 5.10 18.99
N ILE A 283 16.44 5.40 17.77
CA ILE A 283 16.23 6.79 17.26
C ILE A 283 15.42 7.58 18.28
N GLU A 284 14.29 7.01 18.73
CA GLU A 284 13.28 7.70 19.58
C GLU A 284 13.89 8.01 20.96
N LYS A 285 14.69 7.09 21.52
CA LYS A 285 15.38 7.30 22.82
C LYS A 285 16.48 8.36 22.65
N THR A 286 17.28 8.24 21.58
CA THR A 286 18.44 9.13 21.29
C THR A 286 17.95 10.56 21.06
N MET A 287 16.96 10.75 20.19
CA MET A 287 16.48 12.08 19.73
C MET A 287 15.46 12.67 20.73
N ASN A 288 15.08 11.90 21.76
CA ASN A 288 14.05 12.30 22.76
C ASN A 288 12.75 12.63 22.01
N LEU A 289 12.39 11.78 21.05
CA LEU A 289 11.24 12.02 20.13
C LEU A 289 9.94 11.88 20.92
N LYS A 290 9.18 12.99 21.03
CA LYS A 290 7.84 13.03 21.68
C LYS A 290 6.83 12.35 20.75
N ALA A 291 5.68 11.94 21.29
CA ALA A 291 4.56 11.32 20.54
C ALA A 291 3.22 11.86 21.05
N GLU A 292 2.23 11.94 20.17
CA GLU A 292 0.83 12.34 20.47
C GLU A 292 0.79 13.73 21.10
N GLN A 293 1.64 14.65 20.62
CA GLN A 293 1.64 16.09 20.98
C GLN A 293 0.83 16.84 19.93
N PRO A 294 -0.42 17.28 20.22
CA PRO A 294 -1.27 17.92 19.21
C PRO A 294 -0.63 19.18 18.59
N LEU A 295 -0.95 19.45 17.33
CA LEU A 295 -0.46 20.64 16.56
C LEU A 295 -1.31 21.87 16.95
NI NI B . 0.41 -3.01 -9.23
C1 AKG C . -0.20 -0.33 -9.97
O1 AKG C . 0.76 -1.02 -9.58
O2 AKG C . -0.06 0.81 -10.40
C2 AKG C . -1.40 -0.86 -9.91
O5 AKG C . -1.49 -2.08 -9.75
C3 AKG C . -2.67 -0.06 -9.99
C4 AKG C . -3.93 -0.90 -9.84
C5 AKG C . -5.23 -0.18 -10.15
O3 AKG C . -6.27 -0.64 -9.66
O4 AKG C . -5.19 0.83 -10.89
C4 58J D . 3.97 1.84 -9.75
C7 58J D . 4.50 -0.35 -10.22
C8 58J D . 3.91 -1.30 -10.99
C10 58J D . 3.41 -2.13 -13.28
C13 58J D . 2.37 0.31 -14.06
C15 58J D . 5.09 -0.80 -8.96
C20 58J D . 1.77 1.08 -6.16
C22 58J D . 1.34 0.64 -16.71
O16 58J D . 5.86 -1.76 -8.99
N17 58J D . 4.75 -0.28 -7.76
C18 58J D . 3.70 0.57 -7.56
C3 58J D . 3.23 1.50 -8.49
C19 58J D . 2.94 0.36 -6.41
C1 58J D . 1.33 2.02 -7.08
C2 58J D . 2.06 2.24 -8.24
N6 58J D . 4.55 0.94 -10.52
C23 58J D . 5.34 1.38 -11.67
O5 58J D . 4.10 3.03 -10.01
C9 58J D . 3.33 -1.10 -12.34
C14 58J D . 2.82 0.12 -12.75
C12 58J D . 2.44 -0.73 -14.98
O21 58J D . 2.01 -0.55 -16.27
C11 58J D . 2.96 -1.95 -14.58
#